data_8RL6
#
_entry.id   8RL6
#
_cell.length_a   1.00
_cell.length_b   1.00
_cell.length_c   1.00
_cell.angle_alpha   90.00
_cell.angle_beta   90.00
_cell.angle_gamma   90.00
#
_symmetry.space_group_name_H-M   'P 1'
#
loop_
_entity.id
_entity.type
_entity.pdbx_description
1 polymer 'ATP-dependent DNA helicase Q5'
2 non-polymer 'ZINC ION'
#
_entity_poly.entity_id   1
_entity_poly.type   'polypeptide(L)'
_entity_poly.pdbx_seq_one_letter_code
;PERRVRSTLKKVFGFDSFKTPLQESATMAVVKGNKDVFVCMPTGAGKSLCYQLPALLAKGITIVVSPLIALIQDQVDHLL
TLKVRVSSLNSKLSAQERKELLADLEREKPQTKILYITPEMAASSSFQPTLNSLVSRHLLSYLVVDEAHCVSQWGHDFRP
DYLRLGALRSRLGHAPCVALTATATPQVQEDVFAALHLKKPVAIFKTPCFRANLFYDVQFKELISDPYGNLKDFCLKALG
QEADKGLSGCGIVYCRTREACEQLAIELSCRGVNAKAYHAGLKASERTLVQNDWMEEKVPVIVATISFGMGVDKANVRFV
AHWNIAKSMAGYYQESGRAGRDGKPSWCRLYYSRNDRDQVSFLIRKEVAKLQEKRGNKASDKATIMAFDALVTFCEELGC
RHAAIAKYFGDALPACAKGCDHCQNPTAVRRRLEALERSSSW
;
_entity_poly.pdbx_strand_id   A
#
# COMPACT_ATOMS: atom_id res chain seq x y z
N PRO A 1 10.40 25.85 11.96
CA PRO A 1 9.68 26.83 11.15
C PRO A 1 9.38 26.35 9.74
N GLU A 2 8.27 26.80 9.17
CA GLU A 2 7.88 26.37 7.83
C GLU A 2 8.93 26.77 6.80
N ARG A 3 9.46 27.99 6.90
CA ARG A 3 10.47 28.43 5.94
C ARG A 3 11.72 27.58 6.02
N ARG A 4 12.17 27.25 7.24
CA ARG A 4 13.37 26.44 7.41
C ARG A 4 13.19 25.08 6.76
N VAL A 5 12.05 24.43 7.02
CA VAL A 5 11.81 23.11 6.46
C VAL A 5 11.67 23.18 4.94
N ARG A 6 11.04 24.24 4.44
CA ARG A 6 10.92 24.42 2.99
C ARG A 6 12.30 24.51 2.35
N SER A 7 13.15 25.36 2.91
CA SER A 7 14.50 25.53 2.38
C SER A 7 15.31 24.25 2.48
N THR A 8 15.17 23.53 3.60
CA THR A 8 15.89 22.27 3.76
C THR A 8 15.43 21.25 2.73
N LEU A 9 14.12 21.19 2.47
CA LEU A 9 13.60 20.27 1.47
C LEU A 9 14.17 20.60 0.09
N LYS A 10 14.19 21.88 -0.26
CA LYS A 10 14.74 22.26 -1.56
C LYS A 10 16.24 21.96 -1.64
N LYS A 11 16.97 22.21 -0.55
CA LYS A 11 18.43 22.04 -0.59
C LYS A 11 18.81 20.56 -0.65
N VAL A 12 18.11 19.71 0.09
CA VAL A 12 18.51 18.31 0.22
C VAL A 12 17.94 17.49 -0.92
N PHE A 13 16.61 17.41 -0.99
CA PHE A 13 15.93 16.53 -1.93
C PHE A 13 15.60 17.21 -3.25
N GLY A 14 15.99 18.47 -3.42
CA GLY A 14 15.64 19.19 -4.64
C GLY A 14 14.16 19.32 -4.86
N PHE A 15 13.35 19.19 -3.80
CA PHE A 15 11.90 19.26 -3.91
C PHE A 15 11.47 20.68 -3.59
N ASP A 16 10.97 21.39 -4.60
CA ASP A 16 10.48 22.74 -4.39
C ASP A 16 9.30 22.75 -3.44
N SER A 17 8.38 21.80 -3.61
CA SER A 17 7.19 21.70 -2.77
C SER A 17 6.89 20.24 -2.49
N PHE A 18 6.16 20.02 -1.40
CA PHE A 18 5.80 18.66 -1.01
C PHE A 18 4.84 18.06 -2.02
N LYS A 19 5.04 16.77 -2.32
CA LYS A 19 4.17 16.10 -3.28
C LYS A 19 2.73 16.04 -2.78
N THR A 20 2.52 16.01 -1.47
CA THR A 20 1.20 15.90 -0.88
C THR A 20 1.09 16.90 0.27
N PRO A 21 -0.10 17.45 0.53
CA PRO A 21 -0.23 18.33 1.70
C PRO A 21 -0.23 17.57 3.01
N LEU A 22 -0.84 16.39 3.05
CA LEU A 22 -0.86 15.61 4.27
C LEU A 22 0.55 15.19 4.68
N GLN A 23 1.39 14.83 3.72
CA GLN A 23 2.77 14.50 4.05
C GLN A 23 3.52 15.75 4.52
N GLU A 24 3.16 16.92 4.00
CA GLU A 24 3.74 18.15 4.54
C GLU A 24 3.36 18.34 6.00
N SER A 25 2.09 18.10 6.34
CA SER A 25 1.67 18.20 7.73
C SER A 25 2.40 17.17 8.59
N ALA A 26 2.59 15.97 8.05
CA ALA A 26 3.30 14.93 8.80
C ALA A 26 4.75 15.34 9.07
N THR A 27 5.40 15.92 8.05
CA THR A 27 6.77 16.40 8.25
C THR A 27 6.81 17.51 9.29
N MET A 28 5.83 18.41 9.26
CA MET A 28 5.74 19.45 10.27
C MET A 28 5.63 18.84 11.67
N ALA A 29 4.76 17.84 11.81
CA ALA A 29 4.56 17.21 13.12
C ALA A 29 5.84 16.53 13.59
N VAL A 30 6.53 15.82 12.69
CA VAL A 30 7.73 15.11 13.08
C VAL A 30 8.82 16.09 13.49
N VAL A 31 9.06 17.12 12.67
CA VAL A 31 10.09 18.09 13.00
C VAL A 31 9.75 18.83 14.28
N LYS A 32 8.45 19.00 14.56
CA LYS A 32 8.05 19.62 15.81
C LYS A 32 8.53 18.81 17.00
N GLY A 33 8.39 17.50 16.94
CA GLY A 33 8.89 16.62 17.98
C GLY A 33 8.09 16.63 19.26
N ASN A 34 6.93 17.31 19.27
CA ASN A 34 6.13 17.36 20.50
C ASN A 34 5.44 16.04 20.78
N LYS A 35 5.19 15.24 19.75
CA LYS A 35 4.49 13.98 19.91
C LYS A 35 4.94 13.02 18.82
N ASP A 36 4.78 11.72 19.11
CA ASP A 36 5.12 10.71 18.12
C ASP A 36 4.25 10.88 16.88
N VAL A 37 4.68 10.25 15.79
CA VAL A 37 4.01 10.38 14.50
C VAL A 37 3.87 9.01 13.86
N PHE A 38 2.78 8.83 13.13
CA PHE A 38 2.54 7.65 12.33
C PHE A 38 2.15 8.08 10.93
N VAL A 39 2.54 7.28 9.94
CA VAL A 39 2.22 7.57 8.55
C VAL A 39 1.90 6.26 7.84
N CYS A 40 0.83 6.26 7.05
CA CYS A 40 0.43 5.11 6.23
C CYS A 40 0.19 5.66 4.83
N MET A 41 1.26 5.71 4.03
CA MET A 41 1.22 6.23 2.68
C MET A 41 1.72 5.19 1.69
N PRO A 42 1.11 5.07 0.52
CA PRO A 42 1.50 4.02 -0.42
C PRO A 42 2.89 4.27 -0.98
N THR A 43 3.52 3.18 -1.44
CA THR A 43 4.86 3.26 -2.00
C THR A 43 4.87 4.26 -3.15
N GLY A 44 5.89 5.12 -3.16
CA GLY A 44 5.98 6.17 -4.15
C GLY A 44 5.18 7.41 -3.84
N ALA A 45 4.60 7.50 -2.65
CA ALA A 45 3.82 8.66 -2.24
C ALA A 45 4.62 9.64 -1.40
N GLY A 46 5.93 9.49 -1.35
CA GLY A 46 6.75 10.38 -0.55
C GLY A 46 6.77 10.08 0.92
N LYS A 47 6.33 8.88 1.32
CA LYS A 47 6.35 8.53 2.74
C LYS A 47 7.75 8.65 3.31
N SER A 48 8.78 8.37 2.52
CA SER A 48 10.14 8.45 3.01
C SER A 48 10.47 9.88 3.44
N LEU A 49 10.15 10.86 2.60
CA LEU A 49 10.51 12.24 2.91
C LEU A 49 10.01 12.65 4.29
N CYS A 50 8.86 12.14 4.70
CA CYS A 50 8.27 12.52 5.99
C CYS A 50 9.26 12.30 7.13
N TYR A 51 9.97 11.18 7.12
CA TYR A 51 10.95 10.89 8.15
C TYR A 51 12.36 11.34 7.80
N GLN A 52 12.65 11.51 6.50
CA GLN A 52 13.99 11.92 6.11
C GLN A 52 14.23 13.40 6.40
N LEU A 53 13.30 14.27 5.99
CA LEU A 53 13.50 15.70 6.14
C LEU A 53 13.65 16.13 7.60
N PRO A 54 12.81 15.69 8.54
CA PRO A 54 13.04 16.07 9.94
C PRO A 54 14.39 15.64 10.44
N ALA A 55 14.86 14.46 10.03
CA ALA A 55 16.21 14.03 10.38
C ALA A 55 17.25 14.99 9.82
N LEU A 56 17.04 15.44 8.58
CA LEU A 56 17.96 16.40 7.98
C LEU A 56 18.01 17.69 8.78
N LEU A 57 16.86 18.19 9.20
CA LEU A 57 16.75 19.47 9.90
C LEU A 57 16.83 19.32 11.41
N ALA A 58 17.01 18.11 11.92
CA ALA A 58 17.06 17.88 13.35
C ALA A 58 18.43 18.23 13.91
N LYS A 59 18.44 18.73 15.15
CA LYS A 59 19.69 19.11 15.81
C LYS A 59 20.51 17.90 16.22
N GLY A 60 19.90 16.71 16.27
CA GLY A 60 20.62 15.50 16.63
C GLY A 60 20.74 14.55 15.47
N ILE A 61 20.46 13.26 15.70
CA ILE A 61 20.52 12.24 14.67
C ILE A 61 19.28 11.37 14.76
N THR A 62 18.87 10.83 13.61
CA THR A 62 17.65 10.04 13.50
C THR A 62 18.01 8.60 13.18
N ILE A 63 17.52 7.67 14.00
CA ILE A 63 17.73 6.24 13.78
C ILE A 63 16.53 5.71 13.01
N VAL A 64 16.81 5.07 11.87
CA VAL A 64 15.78 4.53 11.00
C VAL A 64 15.97 3.02 10.94
N VAL A 65 15.01 2.28 11.46
CA VAL A 65 15.08 0.82 11.49
C VAL A 65 14.11 0.27 10.46
N SER A 66 14.63 -0.54 9.55
CA SER A 66 13.89 -1.11 8.44
C SER A 66 14.14 -2.61 8.39
N PRO A 67 13.15 -3.40 7.93
CA PRO A 67 13.26 -4.85 8.14
C PRO A 67 14.31 -5.51 7.26
N LEU A 68 14.46 -5.07 6.01
CA LEU A 68 15.34 -5.73 5.06
C LEU A 68 16.65 -4.98 4.93
N ILE A 69 17.74 -5.72 4.77
CA ILE A 69 19.04 -5.11 4.53
C ILE A 69 19.03 -4.35 3.21
N ALA A 70 18.41 -4.93 2.19
CA ALA A 70 18.37 -4.27 0.88
C ALA A 70 17.64 -2.94 0.97
N LEU A 71 16.54 -2.89 1.73
CA LEU A 71 15.81 -1.64 1.89
C LEU A 71 16.67 -0.59 2.58
N ILE A 72 17.40 -0.99 3.62
CA ILE A 72 18.28 -0.06 4.32
C ILE A 72 19.33 0.50 3.37
N GLN A 73 19.95 -0.40 2.58
CA GLN A 73 20.97 0.05 1.65
C GLN A 73 20.39 0.96 0.59
N ASP A 74 19.17 0.68 0.12
CA ASP A 74 18.55 1.51 -0.89
C ASP A 74 18.28 2.92 -0.36
N GLN A 75 17.73 3.02 0.85
CA GLN A 75 17.48 4.34 1.43
C GLN A 75 18.80 5.08 1.66
N VAL A 76 19.82 4.39 2.17
CA VAL A 76 21.08 5.06 2.45
C VAL A 76 21.72 5.56 1.16
N ASP A 77 21.66 4.74 0.10
CA ASP A 77 22.22 5.17 -1.18
C ASP A 77 21.43 6.34 -1.76
N HIS A 78 20.11 6.31 -1.62
CA HIS A 78 19.29 7.41 -2.13
C HIS A 78 19.64 8.72 -1.43
N LEU A 79 19.83 8.67 -0.11
CA LEU A 79 20.19 9.89 0.61
C LEU A 79 21.62 10.32 0.29
N LEU A 80 22.53 9.37 0.13
CA LEU A 80 23.90 9.74 -0.24
C LEU A 80 23.92 10.43 -1.59
N THR A 81 23.11 9.95 -2.53
CA THR A 81 22.98 10.63 -3.82
C THR A 81 22.55 12.08 -3.63
N LEU A 82 21.83 12.37 -2.54
CA LEU A 82 21.43 13.72 -2.20
C LEU A 82 22.46 14.45 -1.35
N LYS A 83 23.67 13.90 -1.23
CA LYS A 83 24.75 14.50 -0.45
C LYS A 83 24.46 14.53 1.04
N VAL A 84 23.54 13.69 1.50
CA VAL A 84 23.18 13.67 2.91
C VAL A 84 24.16 12.81 3.68
N ARG A 85 24.51 13.26 4.88
CA ARG A 85 25.39 12.50 5.77
C ARG A 85 24.59 11.36 6.38
N VAL A 86 24.69 10.18 5.78
CA VAL A 86 23.94 9.00 6.21
C VAL A 86 24.91 7.86 6.47
N SER A 87 24.53 6.99 7.40
CA SER A 87 25.29 5.79 7.71
C SER A 87 24.35 4.60 7.75
N SER A 88 24.89 3.42 7.46
CA SER A 88 24.14 2.16 7.43
C SER A 88 24.84 1.14 8.30
N LEU A 89 24.38 0.97 9.55
CA LEU A 89 24.93 -0.02 10.45
C LEU A 89 24.16 -1.32 10.29
N ASN A 90 24.80 -2.31 9.64
CA ASN A 90 24.18 -3.61 9.44
C ASN A 90 25.26 -4.67 9.36
N SER A 91 24.86 -5.93 9.53
CA SER A 91 25.80 -7.03 9.45
C SER A 91 26.48 -7.08 8.08
N LYS A 92 25.79 -6.63 7.04
CA LYS A 92 26.41 -6.54 5.72
C LYS A 92 27.66 -5.67 5.75
N LEU A 93 27.67 -4.66 6.63
CA LEU A 93 28.84 -3.80 6.76
C LEU A 93 30.00 -4.57 7.39
N SER A 94 31.22 -4.22 6.97
CA SER A 94 32.40 -4.94 7.43
C SER A 94 32.80 -4.46 8.82
N ALA A 95 33.73 -5.21 9.43
CA ALA A 95 34.18 -4.89 10.78
C ALA A 95 34.86 -3.53 10.81
N GLN A 96 35.75 -3.27 9.86
CA GLN A 96 36.45 -1.99 9.83
C GLN A 96 35.48 -0.85 9.53
N GLU A 97 34.60 -1.04 8.54
CA GLU A 97 33.61 -0.01 8.23
C GLU A 97 32.65 0.20 9.40
N ARG A 98 32.25 -0.89 10.05
CA ARG A 98 31.38 -0.75 11.21
C ARG A 98 32.06 0.03 12.32
N LYS A 99 33.34 -0.25 12.57
CA LYS A 99 34.07 0.49 13.60
C LYS A 99 34.20 1.96 13.21
N GLU A 100 34.41 2.24 11.92
CA GLU A 100 34.49 3.62 11.47
C GLU A 100 33.16 4.35 11.70
N LEU A 101 32.04 3.67 11.41
CA LEU A 101 30.73 4.28 11.66
C LEU A 101 30.52 4.53 13.14
N LEU A 102 30.91 3.57 13.99
CA LEU A 102 30.78 3.77 15.44
C LEU A 102 31.65 4.94 15.90
N ALA A 103 32.86 5.06 15.36
CA ALA A 103 33.71 6.20 15.72
C ALA A 103 33.06 7.51 15.30
N ASP A 104 32.45 7.54 14.12
CA ASP A 104 31.73 8.74 13.69
C ASP A 104 30.60 9.05 14.66
N LEU A 105 29.86 8.03 15.10
CA LEU A 105 28.77 8.25 16.03
C LEU A 105 29.27 8.80 17.36
N GLU A 106 30.37 8.25 17.87
CA GLU A 106 30.88 8.64 19.18
C GLU A 106 31.34 10.08 19.25
N ARG A 107 31.53 10.76 18.12
CA ARG A 107 31.93 12.15 18.16
C ARG A 107 30.90 12.99 18.92
N GLU A 108 31.35 14.16 19.38
CA GLU A 108 30.45 15.05 20.10
C GLU A 108 29.18 15.32 19.29
N LYS A 109 29.36 15.70 18.03
CA LYS A 109 28.25 15.80 17.08
C LYS A 109 28.41 14.70 16.05
N PRO A 110 27.57 13.65 16.06
CA PRO A 110 27.80 12.54 15.13
C PRO A 110 27.85 13.00 13.68
N GLN A 111 28.81 12.46 12.93
CA GLN A 111 28.95 12.84 11.53
C GLN A 111 27.74 12.39 10.72
N THR A 112 27.22 11.20 11.00
CA THR A 112 26.08 10.67 10.26
C THR A 112 24.80 11.28 10.80
N LYS A 113 24.17 12.15 9.99
CA LYS A 113 22.93 12.78 10.43
C LYS A 113 21.82 11.76 10.59
N ILE A 114 21.73 10.80 9.67
CA ILE A 114 20.72 9.75 9.70
C ILE A 114 21.42 8.40 9.74
N LEU A 115 21.11 7.61 10.76
CA LEU A 115 21.71 6.29 10.95
C LEU A 115 20.63 5.25 10.67
N TYR A 116 20.79 4.49 9.59
CA TYR A 116 19.92 3.37 9.30
C TYR A 116 20.47 2.12 9.97
N ILE A 117 19.56 1.26 10.40
CA ILE A 117 19.92 0.11 11.22
C ILE A 117 18.97 -1.03 10.88
N THR A 118 19.51 -2.25 10.92
CA THR A 118 18.67 -3.44 10.79
C THR A 118 18.21 -3.89 12.17
N PRO A 119 16.92 -4.16 12.36
CA PRO A 119 16.44 -4.41 13.73
C PRO A 119 17.12 -5.59 14.41
N GLU A 120 17.42 -6.65 13.65
CA GLU A 120 17.98 -7.85 14.28
C GLU A 120 19.31 -7.55 14.96
N MET A 121 20.18 -6.81 14.27
CA MET A 121 21.45 -6.43 14.89
C MET A 121 21.28 -5.28 15.87
N ALA A 122 20.22 -4.48 15.71
CA ALA A 122 19.94 -3.45 16.71
C ALA A 122 19.71 -4.06 18.08
N ALA A 123 19.21 -5.29 18.13
CA ALA A 123 19.08 -6.03 19.39
C ALA A 123 20.38 -6.70 19.80
N SER A 124 21.39 -6.72 18.92
CA SER A 124 22.64 -7.38 19.24
C SER A 124 23.33 -6.67 20.40
N SER A 125 24.04 -7.46 21.20
CA SER A 125 24.74 -6.90 22.36
C SER A 125 25.81 -5.90 21.93
N SER A 126 26.42 -6.10 20.76
CA SER A 126 27.48 -5.20 20.31
C SER A 126 26.95 -3.80 20.07
N PHE A 127 25.76 -3.68 19.47
CA PHE A 127 25.20 -2.36 19.20
C PHE A 127 24.75 -1.64 20.47
N GLN A 128 24.28 -2.39 21.46
CA GLN A 128 23.69 -1.78 22.65
C GLN A 128 24.58 -0.74 23.31
N PRO A 129 25.89 -0.95 23.50
CA PRO A 129 26.71 0.15 24.04
C PRO A 129 26.64 1.41 23.20
N THR A 130 26.66 1.28 21.88
CA THR A 130 26.50 2.45 21.02
C THR A 130 25.12 3.07 21.21
N LEU A 131 24.08 2.23 21.31
CA LEU A 131 22.72 2.75 21.45
C LEU A 131 22.56 3.56 22.72
N ASN A 132 23.02 3.02 23.86
CA ASN A 132 22.83 3.74 25.11
C ASN A 132 23.79 4.91 25.23
N SER A 133 24.95 4.86 24.57
CA SER A 133 25.78 6.05 24.48
C SER A 133 25.06 7.16 23.72
N LEU A 134 24.38 6.81 22.64
CA LEU A 134 23.57 7.78 21.91
C LEU A 134 22.45 8.32 22.81
N VAL A 135 21.80 7.43 23.55
CA VAL A 135 20.68 7.84 24.39
C VAL A 135 21.14 8.81 25.47
N SER A 136 22.26 8.50 26.12
CA SER A 136 22.73 9.33 27.23
C SER A 136 23.10 10.73 26.75
N ARG A 137 23.73 10.84 25.58
CA ARG A 137 24.17 12.14 25.09
C ARG A 137 23.03 12.99 24.57
N HIS A 138 21.82 12.44 24.45
CA HIS A 138 20.67 13.16 23.91
C HIS A 138 20.88 13.53 22.45
N LEU A 139 21.72 12.80 21.74
CA LEU A 139 21.98 13.06 20.34
C LEU A 139 20.90 12.50 19.43
N LEU A 140 20.12 11.52 19.90
CA LEU A 140 19.10 10.92 19.05
C LEU A 140 17.91 11.86 18.93
N SER A 141 17.89 12.67 17.86
CA SER A 141 16.79 13.59 17.65
C SER A 141 15.48 12.85 17.41
N TYR A 142 15.53 11.75 16.65
CA TYR A 142 14.32 11.03 16.30
C TYR A 142 14.64 9.55 16.13
N LEU A 143 13.59 8.74 16.22
CA LEU A 143 13.63 7.34 15.86
C LEU A 143 12.61 7.12 14.74
N VAL A 144 12.92 6.24 13.81
CA VAL A 144 12.02 5.94 12.70
C VAL A 144 11.93 4.43 12.55
N VAL A 145 10.71 3.93 12.40
CA VAL A 145 10.45 2.51 12.19
C VAL A 145 9.72 2.39 10.86
N ASP A 146 10.47 2.11 9.79
CA ASP A 146 9.86 1.85 8.50
C ASP A 146 9.21 0.47 8.49
N GLU A 147 8.22 0.30 7.61
CA GLU A 147 7.49 -0.96 7.52
C GLU A 147 6.88 -1.31 8.88
N ALA A 148 6.25 -0.33 9.51
CA ALA A 148 5.71 -0.53 10.84
C ALA A 148 4.70 -1.67 10.88
N HIS A 149 4.04 -1.96 9.76
CA HIS A 149 3.06 -3.03 9.73
C HIS A 149 3.67 -4.40 10.06
N CYS A 150 4.99 -4.53 9.93
CA CYS A 150 5.64 -5.80 10.26
C CYS A 150 5.44 -6.18 11.72
N VAL A 151 5.26 -5.18 12.59
CA VAL A 151 5.05 -5.48 14.01
C VAL A 151 3.76 -6.24 14.22
N SER A 152 2.71 -5.90 13.45
CA SER A 152 1.41 -6.52 13.63
C SER A 152 1.37 -7.86 12.91
N GLN A 153 0.91 -8.89 13.62
CA GLN A 153 0.70 -10.18 12.98
C GLN A 153 -0.42 -10.09 11.94
N TRP A 154 -1.47 -9.34 12.25
CA TRP A 154 -2.59 -9.20 11.31
C TRP A 154 -2.14 -8.58 10.00
N GLY A 155 -1.03 -7.85 10.00
CA GLY A 155 -0.51 -7.31 8.77
C GLY A 155 -0.10 -8.40 7.80
N HIS A 156 -0.05 -8.06 6.52
CA HIS A 156 0.29 -9.05 5.50
C HIS A 156 1.68 -9.62 5.74
N ASP A 157 2.66 -8.76 6.03
CA ASP A 157 4.02 -9.17 6.33
C ASP A 157 4.33 -8.83 7.79
N PHE A 158 4.94 -9.78 8.50
CA PHE A 158 5.18 -9.65 9.93
C PHE A 158 6.64 -9.94 10.24
N ARG A 159 7.17 -9.22 11.22
CA ARG A 159 8.56 -9.40 11.68
C ARG A 159 8.55 -9.43 13.21
N PRO A 160 8.99 -10.52 13.85
CA PRO A 160 9.08 -10.51 15.32
C PRO A 160 10.04 -9.45 15.84
N ASP A 161 11.13 -9.20 15.12
CA ASP A 161 12.02 -8.12 15.50
C ASP A 161 11.24 -6.83 15.67
N TYR A 162 10.24 -6.60 14.82
CA TYR A 162 9.42 -5.40 14.95
C TYR A 162 8.60 -5.42 16.23
N LEU A 163 8.24 -6.60 16.74
CA LEU A 163 7.69 -6.67 18.08
C LEU A 163 8.72 -6.23 19.11
N ARG A 164 9.98 -6.62 18.92
CA ARG A 164 11.03 -6.18 19.84
C ARG A 164 11.19 -4.66 19.83
N LEU A 165 11.11 -4.03 18.66
CA LEU A 165 11.32 -2.58 18.57
C LEU A 165 10.46 -1.78 19.54
N GLY A 166 9.44 -2.39 20.13
CA GLY A 166 8.80 -1.76 21.28
C GLY A 166 9.81 -1.47 22.37
N ALA A 167 10.74 -2.40 22.59
CA ALA A 167 11.81 -2.17 23.57
C ALA A 167 12.70 -1.01 23.14
N LEU A 168 13.06 -0.95 21.86
CA LEU A 168 13.89 0.15 21.39
C LEU A 168 13.20 1.48 21.61
N ARG A 169 11.90 1.54 21.35
CA ARG A 169 11.15 2.76 21.62
C ARG A 169 11.13 3.07 23.11
N SER A 170 11.02 2.03 23.95
CA SER A 170 11.11 2.26 25.38
C SER A 170 12.43 2.91 25.75
N ARG A 171 13.53 2.39 25.20
CA ARG A 171 14.79 3.11 25.24
C ARG A 171 14.64 4.44 24.50
N LEU A 172 15.69 5.26 24.58
CA LEU A 172 15.74 6.49 23.81
C LEU A 172 14.41 7.24 23.85
N GLY A 173 13.72 7.19 25.00
CA GLY A 173 12.39 7.74 25.08
C GLY A 173 12.34 9.22 24.74
N HIS A 174 13.38 9.97 25.12
CA HIS A 174 13.39 11.40 24.86
C HIS A 174 13.14 11.71 23.39
N ALA A 175 13.62 10.85 22.51
CA ALA A 175 13.50 11.09 21.08
C ALA A 175 12.10 10.74 20.59
N PRO A 176 11.41 11.65 19.89
CA PRO A 176 10.14 11.27 19.26
C PRO A 176 10.33 10.18 18.22
N CYS A 177 9.31 9.35 18.06
CA CYS A 177 9.35 8.22 17.15
C CYS A 177 8.34 8.41 16.02
N VAL A 178 8.72 7.96 14.84
CA VAL A 178 7.89 8.04 13.63
C VAL A 178 7.77 6.64 13.07
N ALA A 179 6.56 6.09 13.10
CA ALA A 179 6.27 4.80 12.49
C ALA A 179 5.73 5.02 11.08
N LEU A 180 6.17 4.18 10.15
CA LEU A 180 5.83 4.35 8.75
C LEU A 180 5.37 3.01 8.17
N THR A 181 4.39 3.07 7.28
CA THR A 181 3.91 1.86 6.64
C THR A 181 3.25 2.21 5.31
N ALA A 182 3.10 1.20 4.46
CA ALA A 182 2.46 1.40 3.17
C ALA A 182 0.94 1.31 3.29
N THR A 183 0.45 0.20 3.85
CA THR A 183 -0.97 0.00 4.08
C THR A 183 -1.16 -0.52 5.49
N ALA A 184 -2.17 0.01 6.19
CA ALA A 184 -2.40 -0.34 7.58
C ALA A 184 -3.90 -0.41 7.84
N THR A 185 -4.39 -1.62 8.09
CA THR A 185 -5.75 -1.80 8.58
C THR A 185 -5.86 -1.21 9.99
N PRO A 186 -7.04 -0.73 10.39
CA PRO A 186 -7.18 -0.25 11.78
C PRO A 186 -6.69 -1.26 12.80
N GLN A 187 -6.88 -2.55 12.56
CA GLN A 187 -6.25 -3.56 13.40
C GLN A 187 -4.73 -3.42 13.36
N VAL A 188 -4.18 -3.22 12.16
CA VAL A 188 -2.74 -3.02 12.04
C VAL A 188 -2.33 -1.72 12.72
N GLN A 189 -3.15 -0.68 12.60
CA GLN A 189 -2.85 0.58 13.26
C GLN A 189 -2.74 0.39 14.78
N GLU A 190 -3.72 -0.27 15.37
CA GLU A 190 -3.70 -0.50 16.81
C GLU A 190 -2.53 -1.39 17.21
N ASP A 191 -2.24 -2.42 16.42
CA ASP A 191 -1.11 -3.28 16.73
C ASP A 191 0.19 -2.48 16.72
N VAL A 192 0.37 -1.61 15.73
CA VAL A 192 1.58 -0.79 15.68
C VAL A 192 1.63 0.15 16.88
N PHE A 193 0.49 0.76 17.22
CA PHE A 193 0.49 1.74 18.31
C PHE A 193 0.77 1.08 19.65
N ALA A 194 0.29 -0.15 19.85
CA ALA A 194 0.48 -0.84 21.12
C ALA A 194 1.81 -1.56 21.23
N ALA A 195 2.36 -2.03 20.11
CA ALA A 195 3.59 -2.81 20.12
C ALA A 195 4.83 -1.91 20.15
N LEU A 196 4.85 -0.88 19.31
CA LEU A 196 5.99 0.04 19.27
C LEU A 196 6.08 0.92 20.50
N HIS A 197 5.14 0.82 21.45
CA HIS A 197 5.14 1.64 22.65
C HIS A 197 5.23 3.13 22.28
N LEU A 198 4.49 3.51 21.23
CA LEU A 198 4.47 4.90 20.83
C LEU A 198 3.76 5.75 21.89
N LYS A 199 4.09 7.03 21.90
CA LYS A 199 3.50 7.94 22.87
C LYS A 199 1.99 7.99 22.71
N LYS A 200 1.29 8.36 23.78
CA LYS A 200 -0.16 8.41 23.73
C LYS A 200 -0.66 9.31 22.62
N PRO A 201 -0.16 10.54 22.45
CA PRO A 201 -0.62 11.38 21.33
C PRO A 201 0.17 11.05 20.07
N VAL A 202 -0.54 10.62 19.03
CA VAL A 202 0.07 10.33 17.73
C VAL A 202 -0.88 10.81 16.65
N ALA A 203 -0.30 11.31 15.56
CA ALA A 203 -1.05 11.73 14.38
C ALA A 203 -0.89 10.65 13.31
N ILE A 204 -2.02 10.08 12.87
CA ILE A 204 -1.97 8.91 12.00
C ILE A 204 -1.39 9.27 10.65
N PHE A 205 -1.67 10.48 10.16
CA PHE A 205 -1.17 10.97 8.88
C PHE A 205 -1.17 9.88 7.81
N LYS A 206 -2.34 9.31 7.58
CA LYS A 206 -2.55 8.34 6.52
C LYS A 206 -3.30 9.00 5.36
N THR A 207 -2.78 8.82 4.15
CA THR A 207 -3.42 9.44 2.99
C THR A 207 -4.80 8.82 2.78
N PRO A 208 -5.85 9.63 2.64
CA PRO A 208 -7.18 9.04 2.37
C PRO A 208 -7.14 8.18 1.12
N CYS A 209 -7.38 6.89 1.30
CA CYS A 209 -7.39 5.97 0.17
C CYS A 209 -8.39 6.40 -0.89
N PHE A 210 -9.41 7.15 -0.51
CA PHE A 210 -10.42 7.60 -1.45
C PHE A 210 -9.80 8.47 -2.53
N ARG A 211 -10.17 8.21 -3.79
CA ARG A 211 -9.77 9.02 -4.92
C ARG A 211 -11.03 9.48 -5.64
N ALA A 212 -11.17 10.80 -5.79
CA ALA A 212 -12.39 11.35 -6.39
C ALA A 212 -12.59 10.85 -7.81
N ASN A 213 -11.51 10.50 -8.51
CA ASN A 213 -11.57 10.04 -9.89
C ASN A 213 -11.91 8.56 -10.01
N LEU A 214 -12.42 7.94 -8.95
CA LEU A 214 -12.74 6.52 -8.95
C LEU A 214 -14.25 6.31 -8.89
N PHE A 215 -14.71 5.24 -9.52
CA PHE A 215 -16.11 4.83 -9.51
C PHE A 215 -16.14 3.33 -9.20
N TYR A 216 -16.45 3.00 -7.95
CA TYR A 216 -16.54 1.61 -7.53
C TYR A 216 -17.99 1.14 -7.63
N ASP A 217 -18.19 0.04 -8.35
CA ASP A 217 -19.48 -0.60 -8.45
C ASP A 217 -19.27 -2.10 -8.53
N VAL A 218 -20.20 -2.86 -7.97
CA VAL A 218 -20.08 -4.30 -7.88
C VAL A 218 -21.35 -4.89 -8.51
N GLN A 219 -21.28 -5.20 -9.80
CA GLN A 219 -22.39 -5.83 -10.47
C GLN A 219 -22.43 -7.32 -10.14
N PHE A 220 -23.62 -7.90 -10.23
CA PHE A 220 -23.84 -9.29 -9.89
C PHE A 220 -23.93 -10.13 -11.16
N LYS A 221 -23.10 -11.17 -11.25
CA LYS A 221 -23.09 -12.02 -12.43
C LYS A 221 -24.44 -12.70 -12.62
N GLU A 222 -25.01 -13.24 -11.54
CA GLU A 222 -26.28 -13.93 -11.65
C GLU A 222 -27.39 -12.97 -12.07
N LEU A 223 -27.34 -11.73 -11.57
CA LEU A 223 -28.36 -10.76 -11.93
C LEU A 223 -28.38 -10.49 -13.43
N ILE A 224 -27.20 -10.37 -14.03
CA ILE A 224 -27.10 -10.07 -15.45
C ILE A 224 -27.23 -11.37 -16.25
N SER A 225 -28.05 -11.32 -17.30
CA SER A 225 -28.26 -12.51 -18.13
C SER A 225 -26.97 -12.91 -18.84
N ASP A 226 -26.26 -11.95 -19.43
CA ASP A 226 -25.00 -12.19 -20.14
C ASP A 226 -23.93 -11.28 -19.53
N PRO A 227 -23.26 -11.72 -18.47
CA PRO A 227 -22.27 -10.84 -17.82
C PRO A 227 -21.15 -10.42 -18.74
N TYR A 228 -20.76 -11.27 -19.70
CA TYR A 228 -19.70 -10.91 -20.63
C TYR A 228 -20.13 -9.74 -21.52
N GLY A 229 -21.39 -9.71 -21.95
CA GLY A 229 -21.90 -8.55 -22.65
C GLY A 229 -21.87 -7.31 -21.79
N ASN A 230 -22.18 -7.46 -20.50
CA ASN A 230 -22.11 -6.32 -19.59
C ASN A 230 -20.69 -5.80 -19.48
N LEU A 231 -19.70 -6.69 -19.40
CA LEU A 231 -18.31 -6.27 -19.37
C LEU A 231 -17.92 -5.59 -20.69
N LYS A 232 -18.41 -6.11 -21.81
CA LYS A 232 -18.16 -5.46 -23.09
C LYS A 232 -18.68 -4.03 -23.09
N ASP A 233 -19.93 -3.85 -22.63
CA ASP A 233 -20.52 -2.52 -22.58
C ASP A 233 -19.74 -1.61 -21.62
N PHE A 234 -19.35 -2.13 -20.46
CA PHE A 234 -18.60 -1.34 -19.51
C PHE A 234 -17.25 -0.90 -20.09
N CYS A 235 -16.57 -1.81 -20.78
CA CYS A 235 -15.30 -1.45 -21.42
C CYS A 235 -15.52 -0.39 -22.49
N LEU A 236 -16.57 -0.55 -23.30
CA LEU A 236 -16.83 0.44 -24.35
C LEU A 236 -17.12 1.80 -23.75
N LYS A 237 -17.89 1.85 -22.67
CA LYS A 237 -18.24 3.13 -22.07
C LYS A 237 -17.05 3.77 -21.38
N ALA A 238 -16.22 2.97 -20.69
CA ALA A 238 -15.11 3.51 -19.93
C ALA A 238 -13.94 3.91 -20.83
N LEU A 239 -13.76 3.22 -21.95
CA LEU A 239 -12.62 3.52 -22.82
C LEU A 239 -12.71 4.93 -23.39
N GLY A 240 -13.93 5.44 -23.57
CA GLY A 240 -14.10 6.76 -24.14
C GLY A 240 -15.10 7.63 -23.38
N GLN A 241 -14.64 8.76 -22.87
CA GLN A 241 -15.50 9.73 -22.21
C GLN A 241 -15.90 10.89 -23.12
N GLU A 242 -15.09 11.19 -24.14
CA GLU A 242 -15.37 12.24 -25.09
C GLU A 242 -15.73 11.62 -26.43
N ALA A 243 -16.83 12.07 -27.03
CA ALA A 243 -17.23 11.55 -28.33
C ALA A 243 -16.15 11.82 -29.37
N ASP A 244 -15.58 13.03 -29.37
CA ASP A 244 -14.46 13.32 -30.25
C ASP A 244 -13.25 12.46 -29.90
N LYS A 245 -13.01 12.25 -28.60
CA LYS A 245 -11.88 11.42 -28.19
C LYS A 245 -12.04 9.99 -28.67
N GLY A 246 -13.25 9.44 -28.57
CA GLY A 246 -13.44 8.06 -28.94
C GLY A 246 -12.72 7.12 -27.98
N LEU A 247 -12.41 5.93 -28.48
CA LEU A 247 -11.65 4.98 -27.69
C LEU A 247 -10.29 5.57 -27.34
N SER A 248 -9.93 5.51 -26.06
CA SER A 248 -8.70 6.12 -25.59
C SER A 248 -8.25 5.42 -24.31
N GLY A 249 -7.01 5.68 -23.92
CA GLY A 249 -6.47 5.06 -22.73
C GLY A 249 -6.44 3.56 -22.84
N CYS A 250 -6.67 2.90 -21.71
CA CYS A 250 -6.67 1.45 -21.67
C CYS A 250 -7.16 0.99 -20.30
N GLY A 251 -7.78 -0.19 -20.28
CA GLY A 251 -8.27 -0.79 -19.06
C GLY A 251 -7.57 -2.10 -18.74
N ILE A 252 -7.93 -2.64 -17.59
CA ILE A 252 -7.41 -3.92 -17.11
C ILE A 252 -8.58 -4.79 -16.68
N VAL A 253 -8.44 -6.10 -16.89
CA VAL A 253 -9.42 -7.08 -16.44
C VAL A 253 -8.68 -8.16 -15.66
N TYR A 254 -9.19 -8.50 -14.48
CA TYR A 254 -8.53 -9.44 -13.60
C TYR A 254 -9.26 -10.78 -13.59
N CYS A 255 -8.49 -11.86 -13.49
CA CYS A 255 -9.01 -13.21 -13.53
C CYS A 255 -8.58 -13.96 -12.27
N ARG A 256 -9.48 -14.78 -11.74
CA ARG A 256 -9.13 -15.60 -10.59
C ARG A 256 -8.23 -16.77 -11.01
N THR A 257 -8.53 -17.41 -12.12
CA THR A 257 -7.80 -18.58 -12.60
C THR A 257 -7.08 -18.24 -13.90
N ARG A 258 -5.81 -18.64 -14.00
CA ARG A 258 -5.02 -18.35 -15.19
C ARG A 258 -5.59 -19.03 -16.43
N GLU A 259 -5.98 -20.30 -16.31
CA GLU A 259 -6.39 -21.07 -17.48
C GLU A 259 -7.66 -20.49 -18.09
N ALA A 260 -8.69 -20.25 -17.29
CA ALA A 260 -9.92 -19.68 -17.80
C ALA A 260 -9.74 -18.25 -18.28
N CYS A 261 -8.66 -17.59 -17.85
CA CYS A 261 -8.45 -16.20 -18.22
C CYS A 261 -8.15 -16.07 -19.71
N GLU A 262 -7.46 -17.04 -20.31
CA GLU A 262 -7.23 -17.01 -21.74
C GLU A 262 -8.55 -17.14 -22.51
N GLN A 263 -9.42 -18.05 -22.08
CA GLN A 263 -10.74 -18.15 -22.69
C GLN A 263 -11.51 -16.85 -22.55
N LEU A 264 -11.43 -16.22 -21.37
CA LEU A 264 -12.06 -14.93 -21.17
C LEU A 264 -11.54 -13.89 -22.15
N ALA A 265 -10.22 -13.84 -22.32
CA ALA A 265 -9.62 -12.85 -23.22
C ALA A 265 -10.07 -13.08 -24.65
N ILE A 266 -10.08 -14.34 -25.10
CA ILE A 266 -10.45 -14.61 -26.49
C ILE A 266 -11.92 -14.30 -26.72
N GLU A 267 -12.77 -14.59 -25.75
CA GLU A 267 -14.20 -14.34 -25.94
C GLU A 267 -14.55 -12.86 -25.80
N LEU A 268 -13.80 -12.08 -25.03
CA LEU A 268 -13.93 -10.63 -25.13
C LEU A 268 -13.37 -10.09 -26.43
N SER A 269 -12.33 -10.73 -26.98
CA SER A 269 -11.87 -10.33 -28.30
C SER A 269 -12.96 -10.53 -29.35
N CYS A 270 -13.64 -11.68 -29.29
CA CYS A 270 -14.74 -11.92 -30.22
C CYS A 270 -15.95 -11.04 -29.91
N ARG A 271 -16.10 -10.60 -28.65
CA ARG A 271 -17.18 -9.70 -28.30
C ARG A 271 -17.14 -8.43 -29.13
N GLY A 272 -15.96 -8.02 -29.59
CA GLY A 272 -15.82 -6.81 -30.37
C GLY A 272 -14.72 -5.91 -29.84
N VAL A 273 -14.32 -6.12 -28.60
CA VAL A 273 -13.24 -5.36 -27.97
C VAL A 273 -12.01 -6.24 -27.90
N ASN A 274 -10.95 -5.83 -28.60
CA ASN A 274 -9.73 -6.62 -28.61
C ASN A 274 -9.09 -6.64 -27.23
N ALA A 275 -8.63 -7.83 -26.82
CA ALA A 275 -8.03 -8.00 -25.51
C ALA A 275 -7.07 -9.18 -25.56
N LYS A 276 -6.17 -9.22 -24.59
CA LYS A 276 -5.17 -10.27 -24.49
C LYS A 276 -5.09 -10.76 -23.05
N ALA A 277 -4.66 -12.01 -22.89
CA ALA A 277 -4.56 -12.65 -21.59
C ALA A 277 -3.14 -12.53 -21.05
N TYR A 278 -3.04 -12.24 -19.76
CA TYR A 278 -1.75 -12.15 -19.07
C TYR A 278 -1.82 -13.04 -17.84
N HIS A 279 -1.16 -14.18 -17.89
CA HIS A 279 -1.18 -15.14 -16.79
C HIS A 279 0.02 -16.07 -16.91
N ALA A 280 0.30 -16.78 -15.83
CA ALA A 280 1.43 -17.70 -15.82
C ALA A 280 1.29 -18.78 -16.89
N GLY A 281 0.05 -19.19 -17.19
CA GLY A 281 -0.15 -20.20 -18.22
C GLY A 281 0.39 -19.78 -19.57
N LEU A 282 0.24 -18.50 -19.91
CA LEU A 282 0.74 -18.01 -21.17
C LEU A 282 2.26 -18.01 -21.18
N LYS A 283 2.84 -18.29 -22.36
CA LYS A 283 4.28 -18.37 -22.49
C LYS A 283 4.91 -16.99 -22.24
N ALA A 284 6.16 -17.01 -21.77
CA ALA A 284 6.80 -15.78 -21.33
C ALA A 284 6.87 -14.75 -22.44
N SER A 285 7.24 -15.18 -23.65
CA SER A 285 7.29 -14.25 -24.77
C SER A 285 5.92 -13.63 -25.03
N GLU A 286 4.87 -14.44 -25.01
CA GLU A 286 3.52 -13.92 -25.20
C GLU A 286 3.12 -13.02 -24.04
N ARG A 287 3.55 -13.35 -22.82
CA ARG A 287 3.26 -12.51 -21.67
C ARG A 287 3.85 -11.12 -21.85
N THR A 288 5.12 -11.07 -22.27
CA THR A 288 5.75 -9.77 -22.53
C THR A 288 5.08 -9.05 -23.68
N LEU A 289 4.68 -9.79 -24.72
CA LEU A 289 3.99 -9.16 -25.85
C LEU A 289 2.69 -8.50 -25.40
N VAL A 290 1.89 -9.21 -24.60
CA VAL A 290 0.63 -8.64 -24.14
C VAL A 290 0.88 -7.48 -23.18
N GLN A 291 1.92 -7.57 -22.35
CA GLN A 291 2.25 -6.46 -21.47
C GLN A 291 2.58 -5.22 -22.27
N ASN A 292 3.40 -5.37 -23.32
CA ASN A 292 3.72 -4.24 -24.18
C ASN A 292 2.48 -3.70 -24.87
N ASP A 293 1.60 -4.59 -25.33
CA ASP A 293 0.37 -4.14 -25.97
C ASP A 293 -0.47 -3.32 -25.00
N TRP A 294 -0.58 -3.77 -23.75
CA TRP A 294 -1.31 -3.00 -22.75
C TRP A 294 -0.66 -1.63 -22.53
N MET A 295 0.67 -1.60 -22.42
CA MET A 295 1.35 -0.32 -22.25
C MET A 295 1.10 0.60 -23.43
N GLU A 296 0.92 0.04 -24.63
CA GLU A 296 0.60 0.82 -25.80
C GLU A 296 -0.92 0.87 -25.99
N GLU A 297 -1.35 1.50 -27.08
CA GLU A 297 -2.77 1.61 -27.41
C GLU A 297 -3.23 0.49 -28.35
N LYS A 298 -2.39 -0.50 -28.62
CA LYS A 298 -2.76 -1.57 -29.54
C LYS A 298 -3.96 -2.35 -29.01
N VAL A 299 -3.98 -2.64 -27.72
CA VAL A 299 -5.07 -3.38 -27.09
C VAL A 299 -5.95 -2.38 -26.33
N PRO A 300 -7.23 -2.24 -26.67
CA PRO A 300 -8.09 -1.34 -25.88
C PRO A 300 -8.13 -1.70 -24.40
N VAL A 301 -8.43 -2.95 -24.08
CA VAL A 301 -8.48 -3.42 -22.70
C VAL A 301 -7.71 -4.73 -22.62
N ILE A 302 -6.80 -4.82 -21.66
CA ILE A 302 -6.02 -6.03 -21.44
C ILE A 302 -6.71 -6.89 -20.41
N VAL A 303 -6.45 -8.20 -20.49
CA VAL A 303 -7.00 -9.18 -19.55
C VAL A 303 -5.83 -9.86 -18.86
N ALA A 304 -5.86 -9.89 -17.53
CA ALA A 304 -4.77 -10.45 -16.74
C ALA A 304 -5.34 -11.27 -15.60
N THR A 305 -4.47 -12.08 -15.00
CA THR A 305 -4.85 -12.88 -13.84
C THR A 305 -4.76 -12.04 -12.57
N ILE A 306 -5.00 -12.68 -11.42
CA ILE A 306 -4.96 -11.95 -10.15
C ILE A 306 -3.59 -11.31 -9.96
N SER A 307 -2.52 -12.03 -10.31
CA SER A 307 -1.20 -11.45 -10.34
C SER A 307 -1.05 -10.56 -11.56
N PHE A 308 -0.25 -9.51 -11.40
CA PHE A 308 -0.04 -8.54 -12.47
C PHE A 308 0.37 -9.23 -13.77
N ASP A 313 1.84 -1.00 -14.25
CA ASP A 313 1.32 0.34 -13.99
C ASP A 313 1.35 1.19 -15.25
N LYS A 314 0.31 2.00 -15.44
CA LYS A 314 0.18 2.86 -16.59
C LYS A 314 -0.12 4.29 -16.13
N ALA A 315 0.28 5.26 -16.95
CA ALA A 315 0.04 6.66 -16.60
C ALA A 315 -1.45 6.94 -16.47
N ASN A 316 -2.25 6.42 -17.39
CA ASN A 316 -3.70 6.62 -17.36
C ASN A 316 -4.37 5.29 -17.67
N VAL A 317 -5.31 4.89 -16.80
CA VAL A 317 -6.08 3.67 -16.97
C VAL A 317 -7.55 4.03 -16.97
N ARG A 318 -8.29 3.55 -17.97
CA ARG A 318 -9.69 3.89 -18.10
C ARG A 318 -10.55 3.17 -17.07
N PHE A 319 -10.23 1.90 -16.78
CA PHE A 319 -11.05 1.13 -15.86
C PHE A 319 -10.29 -0.13 -15.46
N VAL A 320 -10.71 -0.71 -14.33
CA VAL A 320 -10.18 -1.97 -13.83
C VAL A 320 -11.37 -2.82 -13.42
N ALA A 321 -11.63 -3.87 -14.19
CA ALA A 321 -12.74 -4.77 -13.91
C ALA A 321 -12.22 -6.04 -13.27
N HIS A 322 -12.99 -6.58 -12.33
CA HIS A 322 -12.66 -7.82 -11.63
C HIS A 322 -13.76 -8.83 -11.95
N TRP A 323 -13.46 -9.77 -12.85
CA TRP A 323 -14.45 -10.78 -13.18
C TRP A 323 -14.80 -11.63 -11.97
N ASN A 324 -13.85 -11.80 -11.04
CA ASN A 324 -14.07 -12.56 -9.83
C ASN A 324 -13.57 -11.76 -8.63
N ILE A 325 -14.18 -12.03 -7.48
CA ILE A 325 -13.77 -11.35 -6.25
C ILE A 325 -12.29 -11.62 -5.99
N ALA A 326 -11.57 -10.58 -5.60
CA ALA A 326 -10.14 -10.72 -5.37
C ALA A 326 -9.86 -11.60 -4.16
N LYS A 327 -8.63 -12.08 -4.06
CA LYS A 327 -8.25 -12.95 -2.96
C LYS A 327 -8.38 -12.23 -1.62
N SER A 328 -7.97 -10.96 -1.57
CA SER A 328 -8.03 -10.17 -0.35
C SER A 328 -8.58 -8.79 -0.67
N MET A 329 -9.25 -8.19 0.33
CA MET A 329 -9.81 -6.87 0.14
C MET A 329 -8.72 -5.85 -0.17
N ALA A 330 -7.61 -5.91 0.57
CA ALA A 330 -6.48 -5.06 0.25
C ALA A 330 -5.96 -5.37 -1.14
N GLY A 331 -5.95 -6.65 -1.52
CA GLY A 331 -5.56 -7.01 -2.87
C GLY A 331 -6.48 -6.39 -3.91
N TYR A 332 -7.79 -6.40 -3.65
CA TYR A 332 -8.72 -5.78 -4.58
C TYR A 332 -8.46 -4.28 -4.70
N TYR A 333 -8.22 -3.61 -3.57
CA TYR A 333 -7.95 -2.18 -3.63
C TYR A 333 -6.67 -1.90 -4.40
N GLN A 334 -5.63 -2.70 -4.17
CA GLN A 334 -4.37 -2.48 -4.89
C GLN A 334 -4.56 -2.71 -6.38
N GLU A 335 -5.30 -3.76 -6.76
CA GLU A 335 -5.53 -4.02 -8.17
C GLU A 335 -6.35 -2.91 -8.81
N SER A 336 -7.33 -2.37 -8.09
CA SER A 336 -8.17 -1.30 -8.61
C SER A 336 -7.48 0.06 -8.57
N GLY A 337 -6.39 0.18 -7.81
CA GLY A 337 -5.66 1.44 -7.78
C GLY A 337 -5.08 1.83 -9.12
N ARG A 338 -4.69 0.82 -9.92
CA ARG A 338 -4.19 1.09 -11.26
C ARG A 338 -5.20 1.92 -12.05
N ALA A 339 -6.49 1.68 -11.84
CA ALA A 339 -7.50 2.50 -12.49
C ALA A 339 -7.46 3.92 -11.96
N GLY A 340 -7.72 4.88 -12.84
CA GLY A 340 -7.69 6.28 -12.43
C GLY A 340 -6.35 6.75 -11.96
N ARG A 341 -5.27 6.21 -12.53
CA ARG A 341 -3.93 6.69 -12.17
C ARG A 341 -3.78 8.16 -12.53
N ASP A 342 -4.28 8.56 -13.69
CA ASP A 342 -4.31 9.96 -14.07
C ASP A 342 -5.53 10.65 -13.47
N GLY A 343 -5.60 11.96 -13.67
CA GLY A 343 -6.72 12.74 -13.15
C GLY A 343 -8.04 12.43 -13.80
N LYS A 344 -8.03 11.85 -15.00
CA LYS A 344 -9.27 11.56 -15.70
C LYS A 344 -10.10 10.56 -14.87
N PRO A 345 -11.41 10.74 -14.78
CA PRO A 345 -12.23 9.78 -14.03
C PRO A 345 -12.10 8.38 -14.58
N SER A 346 -12.11 7.40 -13.68
CA SER A 346 -12.00 6.00 -14.05
C SER A 346 -13.03 5.19 -13.26
N TRP A 347 -13.42 4.05 -13.82
CA TRP A 347 -14.46 3.21 -13.25
C TRP A 347 -13.88 1.85 -12.90
N CYS A 348 -14.20 1.36 -11.70
CA CYS A 348 -13.76 0.07 -11.23
C CYS A 348 -14.98 -0.81 -10.98
N ARG A 349 -14.95 -2.03 -11.51
CA ARG A 349 -16.07 -2.94 -11.40
C ARG A 349 -15.62 -4.28 -10.82
N LEU A 350 -16.51 -4.88 -10.04
CA LEU A 350 -16.31 -6.22 -9.48
C LEU A 350 -17.54 -7.05 -9.81
N TYR A 351 -17.32 -8.23 -10.39
CA TYR A 351 -18.40 -9.13 -10.78
C TYR A 351 -18.52 -10.24 -9.74
N TYR A 352 -19.43 -10.04 -8.79
CA TYR A 352 -19.66 -11.04 -7.75
C TYR A 352 -20.31 -12.28 -8.32
N SER A 353 -20.13 -13.39 -7.60
CA SER A 353 -20.94 -14.58 -7.78
C SER A 353 -20.91 -15.39 -6.50
N ARG A 354 -22.06 -15.92 -6.10
CA ARG A 354 -22.11 -16.77 -4.91
C ARG A 354 -21.25 -18.01 -5.12
N ASN A 355 -21.33 -18.63 -6.29
CA ASN A 355 -20.46 -19.75 -6.60
C ASN A 355 -18.99 -19.33 -6.63
N ASP A 356 -18.72 -18.18 -7.24
CA ASP A 356 -17.35 -17.67 -7.24
C ASP A 356 -16.88 -17.35 -5.83
N ARG A 357 -17.77 -16.83 -4.99
CA ARG A 357 -17.39 -16.57 -3.61
C ARG A 357 -17.08 -17.86 -2.88
N ASP A 358 -17.88 -18.90 -3.12
CA ASP A 358 -17.59 -20.20 -2.51
C ASP A 358 -16.23 -20.71 -2.96
N GLN A 359 -15.93 -20.58 -4.26
CA GLN A 359 -14.64 -21.02 -4.76
C GLN A 359 -13.49 -20.24 -4.12
N VAL A 360 -13.64 -18.92 -4.01
CA VAL A 360 -12.57 -18.10 -3.44
C VAL A 360 -12.42 -18.39 -1.96
N SER A 361 -13.53 -18.64 -1.26
CA SER A 361 -13.46 -18.99 0.16
C SER A 361 -12.80 -20.34 0.34
N PHE A 362 -13.06 -21.28 -0.56
CA PHE A 362 -12.35 -22.56 -0.52
C PHE A 362 -10.85 -22.37 -0.74
N LEU A 363 -10.49 -21.50 -1.68
CA LEU A 363 -9.07 -21.20 -1.90
C LEU A 363 -8.45 -20.58 -0.65
N ILE A 364 -9.17 -19.66 0.01
CA ILE A 364 -8.66 -19.05 1.23
C ILE A 364 -8.53 -20.10 2.33
N ARG A 365 -9.47 -21.04 2.39
CA ARG A 365 -9.39 -22.11 3.38
C ARG A 365 -8.15 -22.98 3.13
N LYS A 366 -7.88 -23.30 1.87
CA LYS A 366 -6.67 -24.06 1.55
C LYS A 366 -5.42 -23.25 1.94
N GLU A 367 -5.44 -21.95 1.67
CA GLU A 367 -4.29 -21.11 2.01
C GLU A 367 -4.06 -21.08 3.52
N VAL A 368 -5.12 -20.92 4.30
CA VAL A 368 -4.97 -20.87 5.75
C VAL A 368 -4.56 -22.23 6.30
N ALA A 369 -5.04 -23.32 5.69
CA ALA A 369 -4.58 -24.64 6.09
C ALA A 369 -3.09 -24.80 5.82
N LYS A 370 -2.62 -24.31 4.66
CA LYS A 370 -1.19 -24.33 4.38
C LYS A 370 -0.42 -23.49 5.40
N LEU A 371 -0.96 -22.33 5.76
CA LEU A 371 -0.31 -21.49 6.78
C LEU A 371 -0.19 -22.26 8.09
N GLN A 372 -1.27 -22.90 8.52
CA GLN A 372 -1.23 -23.68 9.76
C GLN A 372 -0.20 -24.80 9.66
N GLU A 373 -0.14 -25.47 8.50
CA GLU A 373 0.83 -26.54 8.32
C GLU A 373 2.25 -26.03 8.43
N LYS A 374 2.54 -24.87 7.81
CA LYS A 374 3.90 -24.34 7.74
C LYS A 374 4.06 -23.07 8.54
N ARG A 375 3.28 -22.03 8.27
CA ARG A 375 3.45 -20.77 8.97
C ARG A 375 3.19 -20.91 10.46
N GLY A 376 2.13 -21.63 10.83
CA GLY A 376 1.81 -21.81 12.24
C GLY A 376 1.53 -20.51 12.96
N ASN A 377 0.88 -19.56 12.27
CA ASN A 377 0.54 -18.26 12.84
C ASN A 377 -0.98 -18.14 12.81
N LYS A 378 -1.61 -18.34 13.98
CA LYS A 378 -3.06 -18.28 14.05
C LYS A 378 -3.57 -16.88 13.72
N ALA A 379 -2.86 -15.85 14.18
CA ALA A 379 -3.30 -14.48 13.95
C ALA A 379 -3.37 -14.17 12.46
N SER A 380 -2.28 -14.42 11.73
CA SER A 380 -2.29 -14.16 10.30
C SER A 380 -3.21 -15.11 9.55
N ASP A 381 -3.33 -16.36 10.04
CA ASP A 381 -4.25 -17.30 9.43
C ASP A 381 -5.67 -16.78 9.48
N LYS A 382 -6.07 -16.21 10.61
CA LYS A 382 -7.38 -15.58 10.70
C LYS A 382 -7.42 -14.25 9.95
N ALA A 383 -6.27 -13.59 9.83
CA ALA A 383 -6.22 -12.29 9.14
C ALA A 383 -6.55 -12.43 7.66
N THR A 384 -6.04 -13.49 7.02
CA THR A 384 -6.33 -13.68 5.59
C THR A 384 -7.82 -13.87 5.36
N ILE A 385 -8.45 -14.76 6.14
CA ILE A 385 -9.88 -14.98 5.98
C ILE A 385 -10.67 -13.74 6.39
N MET A 386 -10.15 -12.96 7.34
CA MET A 386 -10.80 -11.72 7.70
C MET A 386 -10.75 -10.72 6.56
N ALA A 387 -9.63 -10.67 5.84
CA ALA A 387 -9.55 -9.81 4.66
C ALA A 387 -10.54 -10.24 3.60
N PHE A 388 -10.65 -11.56 3.38
CA PHE A 388 -11.65 -12.05 2.42
C PHE A 388 -13.07 -11.70 2.86
N ASP A 389 -13.35 -11.85 4.16
CA ASP A 389 -14.65 -11.51 4.69
C ASP A 389 -14.94 -10.03 4.52
N ALA A 390 -13.92 -9.19 4.75
CA ALA A 390 -14.08 -7.75 4.54
C ALA A 390 -14.38 -7.45 3.08
N LEU A 391 -13.69 -8.14 2.15
CA LEU A 391 -13.95 -7.91 0.74
C LEU A 391 -15.40 -8.26 0.39
N VAL A 392 -15.87 -9.43 0.84
CA VAL A 392 -17.24 -9.82 0.53
C VAL A 392 -18.24 -8.86 1.17
N THR A 393 -18.01 -8.49 2.43
CA THR A 393 -18.93 -7.56 3.09
C THR A 393 -18.97 -6.23 2.37
N PHE A 394 -17.82 -5.76 1.89
CA PHE A 394 -17.80 -4.61 1.00
C PHE A 394 -18.63 -4.88 -0.26
N CYS A 395 -18.66 -6.14 -0.70
CA CYS A 395 -19.43 -6.49 -1.89
C CYS A 395 -20.93 -6.34 -1.66
N GLU A 396 -21.46 -6.96 -0.60
CA GLU A 396 -22.89 -6.88 -0.28
C GLU A 396 -23.16 -5.85 0.81
N GLU A 397 -22.94 -4.59 0.46
CA GLU A 397 -23.18 -3.48 1.37
C GLU A 397 -23.96 -2.40 0.64
N LEU A 398 -25.18 -2.13 1.09
CA LEU A 398 -26.01 -1.08 0.49
C LEU A 398 -25.55 0.29 1.01
N GLY A 399 -24.26 0.57 0.79
CA GLY A 399 -23.65 1.79 1.25
C GLY A 399 -22.55 2.22 0.31
N CYS A 400 -22.05 3.42 0.55
CA CYS A 400 -20.96 3.95 -0.27
C CYS A 400 -19.78 2.99 -0.26
N ARG A 401 -19.41 2.52 -1.45
CA ARG A 401 -18.31 1.58 -1.54
C ARG A 401 -16.98 2.22 -1.17
N HIS A 402 -16.80 3.50 -1.51
CA HIS A 402 -15.62 4.22 -1.03
C HIS A 402 -15.60 4.27 0.49
N ALA A 403 -16.76 4.44 1.12
CA ALA A 403 -16.83 4.43 2.57
C ALA A 403 -16.39 3.09 3.13
N ALA A 404 -16.82 1.99 2.51
CA ALA A 404 -16.40 0.67 2.98
C ALA A 404 -14.91 0.46 2.80
N ILE A 405 -14.35 0.91 1.68
CA ILE A 405 -12.91 0.80 1.48
C ILE A 405 -12.17 1.59 2.55
N ALA A 406 -12.64 2.79 2.85
CA ALA A 406 -11.99 3.60 3.88
C ALA A 406 -12.11 2.92 5.24
N LYS A 407 -13.26 2.32 5.54
CA LYS A 407 -13.40 1.58 6.79
C LYS A 407 -12.39 0.45 6.87
N TYR A 408 -12.22 -0.29 5.77
CA TYR A 408 -11.23 -1.37 5.78
C TYR A 408 -9.82 -0.82 6.00
N PHE A 409 -9.50 0.31 5.38
CA PHE A 409 -8.23 0.96 5.65
C PHE A 409 -8.25 1.82 6.91
N GLY A 410 -9.43 2.15 7.42
CA GLY A 410 -9.55 2.86 8.67
C GLY A 410 -9.59 4.38 8.54
N ASP A 411 -9.31 4.93 7.37
CA ASP A 411 -9.40 6.37 7.19
C ASP A 411 -10.86 6.81 7.24
N ALA A 412 -11.07 8.08 7.60
CA ALA A 412 -12.43 8.60 7.72
C ALA A 412 -13.20 8.36 6.42
N LEU A 413 -14.42 7.88 6.56
CA LEU A 413 -15.17 7.44 5.39
C LEU A 413 -15.40 8.62 4.44
N PRO A 414 -15.07 8.48 3.16
CA PRO A 414 -15.40 9.54 2.21
C PRO A 414 -16.88 9.59 1.91
N ALA A 415 -17.33 10.75 1.45
CA ALA A 415 -18.70 10.96 1.00
C ALA A 415 -18.64 11.34 -0.48
N CYS A 416 -19.15 10.47 -1.33
CA CYS A 416 -19.10 10.67 -2.78
C CYS A 416 -20.34 11.49 -3.15
N ALA A 417 -20.14 12.76 -3.47
CA ALA A 417 -21.27 13.55 -3.96
C ALA A 417 -21.91 12.87 -5.15
N LYS A 418 -21.10 12.37 -6.08
CA LYS A 418 -21.55 11.54 -7.19
C LYS A 418 -20.35 10.74 -7.65
N GLY A 419 -20.61 9.78 -8.54
CA GLY A 419 -19.55 8.92 -9.05
C GLY A 419 -19.29 7.68 -8.24
N CYS A 420 -20.27 7.22 -7.46
CA CYS A 420 -20.12 6.02 -6.65
C CYS A 420 -21.40 5.19 -6.79
N ASP A 421 -21.24 3.87 -6.75
CA ASP A 421 -22.37 2.99 -7.03
C ASP A 421 -23.54 3.29 -6.11
N HIS A 422 -23.30 3.32 -4.81
CA HIS A 422 -24.37 3.60 -3.86
C HIS A 422 -24.73 5.08 -3.81
N CYS A 423 -23.74 5.96 -3.88
CA CYS A 423 -24.00 7.39 -3.64
C CYS A 423 -24.88 7.98 -4.73
N GLN A 424 -24.97 7.32 -5.88
CA GLN A 424 -25.95 7.62 -6.91
C GLN A 424 -26.81 6.38 -7.11
N ASN A 425 -28.07 6.60 -7.47
CA ASN A 425 -29.07 5.55 -7.64
C ASN A 425 -28.87 4.42 -6.63
N PRO A 426 -28.76 4.74 -5.34
CA PRO A 426 -28.56 3.66 -4.34
C PRO A 426 -29.64 2.60 -4.39
N THR A 427 -30.89 3.00 -4.64
CA THR A 427 -31.98 2.04 -4.66
C THR A 427 -31.76 1.00 -5.75
N ALA A 428 -31.11 1.36 -6.86
CA ALA A 428 -30.81 0.38 -7.89
C ALA A 428 -29.85 -0.69 -7.37
N VAL A 429 -28.79 -0.27 -6.66
CA VAL A 429 -27.87 -1.24 -6.07
C VAL A 429 -28.59 -2.10 -5.05
N ARG A 430 -29.50 -1.50 -4.28
CA ARG A 430 -30.26 -2.29 -3.31
C ARG A 430 -31.17 -3.30 -4.00
N ARG A 431 -31.77 -2.91 -5.13
CA ARG A 431 -32.57 -3.85 -5.90
C ARG A 431 -31.72 -4.99 -6.44
N ARG A 432 -30.49 -4.68 -6.88
CA ARG A 432 -29.58 -5.73 -7.30
C ARG A 432 -29.26 -6.67 -6.15
N LEU A 433 -29.05 -6.12 -4.96
CA LEU A 433 -28.78 -6.96 -3.79
C LEU A 433 -29.99 -7.83 -3.46
N GLU A 434 -31.19 -7.27 -3.55
CA GLU A 434 -32.40 -8.04 -3.30
C GLU A 434 -32.56 -9.17 -4.32
N ALA A 435 -32.23 -8.88 -5.58
CA ALA A 435 -32.25 -9.93 -6.59
C ALA A 435 -31.23 -11.01 -6.28
N LEU A 436 -30.05 -10.61 -5.79
CA LEU A 436 -29.05 -11.59 -5.39
C LEU A 436 -29.59 -12.47 -4.28
N GLU A 437 -30.25 -11.88 -3.29
CA GLU A 437 -30.86 -12.66 -2.23
C GLU A 437 -31.92 -13.60 -2.78
N ARG A 438 -32.72 -13.12 -3.72
CA ARG A 438 -33.75 -13.96 -4.33
C ARG A 438 -33.13 -15.16 -5.03
N SER A 439 -32.07 -14.94 -5.80
CA SER A 439 -31.39 -16.04 -6.47
C SER A 439 -30.75 -16.99 -5.47
N SER A 440 -30.14 -16.45 -4.42
CA SER A 440 -29.49 -17.27 -3.40
C SER A 440 -29.38 -16.50 -2.09
#